data_6KDC
#
_entry.id   6KDC
#
_cell.length_a   63.040
_cell.length_b   101.397
_cell.length_c   170.542
_cell.angle_alpha   90.000
_cell.angle_beta   90.000
_cell.angle_gamma   90.000
#
_symmetry.space_group_name_H-M   'I 2 2 2'
#
loop_
_entity.id
_entity.type
_entity.pdbx_description
1 polymer Beta-glucosidase/6-phospho-beta-glucosidase/beta-galactosidase
2 non-polymer GLYCEROL
3 non-polymer 'COBALT (II) ION'
4 water water
#
_entity_poly.entity_id   1
_entity_poly.type   'polypeptide(L)'
_entity_poly.pdbx_seq_one_letter_code
;MFPKSFMFGASLSGFQFEMGNPNDIKELDTQTDWFVWVRDLENLLNGIVSGDLPENGAWYWRNYEKIHQLAVDFGMDTLR
IGIEWSRIFPTSTKEIPFGEGMLEKLDEIANKEAVEHYRKMMEDMKAKGLKVFVNLNHFTLPLWIHDPFAVRKGKPTDKL
GWVSDDTPKEFAKYAEYIAWKFSDIVDYWSSMNEPHVVAQLGYFQIMAGFPPNYFNPEWYIKSLKNQALAHNLAYDAIKK
HTDKPVGVIYSFTWFDTLKPNDEEIFENAMWLANWNYMDQVKDKIDYIGVNYYTRSVIDKLPTPVNFKDFELNWYTVRGY
GYACPEGGFALSGRPASEFGWEIYPEGLYYLLKAIYERYNKPLIVTENGIADEKDKYRSQVIISHLYAVEKAMNEGVDVR
GYLHWSIIDNYEWAKGYSKRFGLAYTDLEKKTYIPRPSMYVFREIARTRSIDQFKGYDPYNLMKF
;
_entity_poly.pdbx_strand_id   A
#
loop_
_chem_comp.id
_chem_comp.type
_chem_comp.name
_chem_comp.formula
CO non-polymer 'COBALT (II) ION' 'Co 2'
GOL non-polymer GLYCEROL 'C3 H8 O3'
#
# COMPACT_ATOMS: atom_id res chain seq x y z
N MET A 1 -5.31 22.19 16.76
CA MET A 1 -5.23 22.17 15.32
C MET A 1 -4.03 21.29 14.98
N PHE A 2 -4.10 20.48 13.91
CA PHE A 2 -2.90 19.91 13.32
C PHE A 2 -2.03 21.06 12.80
N PRO A 3 -0.68 20.90 12.85
CA PRO A 3 0.26 21.89 12.29
C PRO A 3 -0.02 22.21 10.82
N LYS A 4 0.31 23.43 10.36
CA LYS A 4 0.09 23.79 8.95
C LYS A 4 0.89 22.86 8.04
N SER A 5 2.01 22.32 8.52
CA SER A 5 2.85 21.42 7.71
C SER A 5 2.29 19.99 7.66
N PHE A 6 1.36 19.66 8.55
CA PHE A 6 0.79 18.30 8.53
C PHE A 6 0.12 18.03 7.19
N MET A 7 0.40 16.86 6.58
CA MET A 7 -0.09 16.64 5.22
C MET A 7 -1.45 15.94 5.27
N PHE A 8 -2.45 16.50 4.54
CA PHE A 8 -3.71 15.79 4.31
C PHE A 8 -3.74 15.42 2.83
N GLY A 9 -4.06 14.15 2.53
CA GLY A 9 -4.06 13.80 1.12
C GLY A 9 -4.60 12.38 0.93
N ALA A 10 -4.15 11.78 -0.18
CA ALA A 10 -4.62 10.43 -0.50
C ALA A 10 -3.48 9.67 -1.15
N SER A 11 -3.67 8.31 -1.20
CA SER A 11 -2.72 7.42 -1.82
C SER A 11 -3.39 6.67 -2.97
N LEU A 12 -2.57 6.42 -4.00
CA LEU A 12 -2.97 5.69 -5.21
C LEU A 12 -1.80 4.76 -5.57
N SER A 13 -2.09 3.76 -6.40
CA SER A 13 -1.05 2.91 -6.99
C SER A 13 -1.18 2.99 -8.50
N GLY A 14 -0.21 2.43 -9.23
CA GLY A 14 -0.32 2.45 -10.69
C GLY A 14 -1.37 1.44 -11.19
N PHE A 15 -1.26 0.18 -10.77
CA PHE A 15 -2.07 -0.85 -11.41
C PHE A 15 -3.55 -0.66 -11.10
N GLN A 16 -3.89 -0.17 -9.88
CA GLN A 16 -5.29 -0.17 -9.47
C GLN A 16 -6.04 1.02 -10.07
N PHE A 17 -5.32 1.97 -10.68
CA PHE A 17 -5.89 3.27 -11.05
C PHE A 17 -5.62 3.67 -12.52
N GLU A 18 -4.46 3.33 -13.08
CA GLU A 18 -4.02 4.04 -14.30
C GLU A 18 -4.86 3.68 -15.53
N MET A 19 -5.13 2.38 -15.72
CA MET A 19 -5.74 1.99 -17.00
C MET A 19 -7.23 2.28 -17.05
N GLY A 20 -7.75 2.47 -18.26
CA GLY A 20 -9.17 2.76 -18.40
C GLY A 20 -9.61 2.65 -19.86
N ASN A 21 -8.65 2.68 -20.80
CA ASN A 21 -9.00 2.52 -22.22
C ASN A 21 -8.34 1.26 -22.77
N PRO A 22 -9.08 0.15 -22.88
CA PRO A 22 -8.49 -1.13 -23.27
C PRO A 22 -7.89 -1.10 -24.68
N ASN A 23 -8.29 -0.12 -25.48
CA ASN A 23 -7.91 -0.02 -26.90
C ASN A 23 -6.74 0.93 -27.15
N ASP A 24 -6.08 1.44 -26.09
CA ASP A 24 -4.90 2.27 -26.27
C ASP A 24 -3.67 1.43 -25.92
N ILE A 25 -2.92 1.00 -26.96
CA ILE A 25 -1.84 0.04 -26.74
C ILE A 25 -0.68 0.68 -25.97
N LYS A 26 -0.58 2.02 -25.94
CA LYS A 26 0.51 2.62 -25.18
C LYS A 26 0.15 2.68 -23.70
N GLU A 27 -1.15 2.77 -23.42
CA GLU A 27 -1.59 2.82 -22.03
C GLU A 27 -1.68 1.40 -21.45
N LEU A 28 -2.10 0.44 -22.26
CA LEU A 28 -2.26 -0.97 -21.80
C LEU A 28 -0.91 -1.56 -21.32
N ASP A 29 -0.74 -1.81 -20.02
CA ASP A 29 0.51 -2.42 -19.57
C ASP A 29 0.27 -3.91 -19.42
N THR A 30 0.57 -4.69 -20.47
CA THR A 30 0.32 -6.14 -20.50
C THR A 30 1.41 -6.89 -19.75
N GLN A 31 2.46 -6.19 -19.30
CA GLN A 31 3.69 -6.88 -18.91
C GLN A 31 3.88 -6.91 -17.39
N THR A 32 2.79 -7.12 -16.62
CA THR A 32 3.00 -7.43 -15.21
C THR A 32 2.43 -8.80 -14.86
N ASP A 33 2.95 -9.38 -13.76
CA ASP A 33 2.39 -10.62 -13.21
C ASP A 33 0.89 -10.44 -12.94
N TRP A 34 0.51 -9.31 -12.32
CA TRP A 34 -0.90 -9.10 -11.96
C TRP A 34 -1.77 -9.01 -13.22
N PHE A 35 -1.26 -8.40 -14.28
CA PHE A 35 -2.11 -8.22 -15.45
C PHE A 35 -2.52 -9.59 -15.98
N VAL A 36 -1.55 -10.51 -16.04
CA VAL A 36 -1.91 -11.83 -16.54
C VAL A 36 -2.69 -12.68 -15.51
N TRP A 37 -2.37 -12.47 -14.25
CA TRP A 37 -3.00 -13.23 -13.16
C TRP A 37 -4.52 -13.04 -13.17
N VAL A 38 -4.99 -11.83 -13.45
CA VAL A 38 -6.41 -11.55 -13.28
C VAL A 38 -7.23 -12.12 -14.45
N ARG A 39 -6.58 -12.63 -15.49
CA ARG A 39 -7.35 -13.18 -16.61
C ARG A 39 -7.08 -14.68 -16.79
N ASP A 40 -6.38 -15.30 -15.85
CA ASP A 40 -6.01 -16.72 -15.89
C ASP A 40 -7.26 -17.59 -15.73
N LEU A 41 -7.46 -18.58 -16.62
CA LEU A 41 -8.72 -19.34 -16.60
C LEU A 41 -8.94 -20.07 -15.28
N GLU A 42 -7.94 -20.79 -14.76
CA GLU A 42 -8.07 -21.41 -13.45
C GLU A 42 -8.54 -20.41 -12.38
N ASN A 43 -7.91 -19.24 -12.33
CA ASN A 43 -8.30 -18.22 -11.34
C ASN A 43 -9.74 -17.75 -11.54
N LEU A 44 -10.12 -17.53 -12.82
CA LEU A 44 -11.45 -17.01 -13.10
C LEU A 44 -12.53 -18.02 -12.73
N LEU A 45 -12.34 -19.26 -13.14
CA LEU A 45 -13.40 -20.26 -13.01
C LEU A 45 -13.57 -20.64 -11.55
N ASN A 46 -12.53 -20.45 -10.74
CA ASN A 46 -12.57 -20.82 -9.33
C ASN A 46 -12.85 -19.60 -8.45
N GLY A 47 -13.05 -18.43 -9.08
CA GLY A 47 -13.35 -17.22 -8.33
C GLY A 47 -12.20 -16.77 -7.43
N ILE A 48 -11.00 -17.19 -7.77
CA ILE A 48 -9.79 -16.73 -7.09
C ILE A 48 -9.56 -15.25 -7.36
N VAL A 49 -9.83 -14.85 -8.60
CA VAL A 49 -9.94 -13.44 -8.97
C VAL A 49 -11.38 -13.13 -9.40
N SER A 50 -11.71 -11.83 -9.51
CA SER A 50 -13.11 -11.40 -9.59
C SER A 50 -13.68 -11.58 -10.98
N GLY A 51 -12.84 -11.59 -12.01
CA GLY A 51 -13.42 -11.48 -13.34
C GLY A 51 -13.34 -10.05 -13.90
N ASP A 52 -13.22 -9.06 -13.01
CA ASP A 52 -13.04 -7.67 -13.45
C ASP A 52 -11.64 -7.52 -14.01
N LEU A 53 -11.46 -6.57 -14.94
CA LEU A 53 -10.15 -6.38 -15.57
C LEU A 53 -9.69 -4.93 -15.38
N PRO A 54 -8.40 -4.70 -15.07
CA PRO A 54 -7.88 -3.38 -14.72
C PRO A 54 -7.93 -2.42 -15.90
N GLU A 55 -7.93 -2.93 -17.15
CA GLU A 55 -8.00 -2.03 -18.31
C GLU A 55 -9.39 -1.38 -18.46
N ASN A 56 -10.40 -1.85 -17.70
CA ASN A 56 -11.72 -1.22 -17.68
C ASN A 56 -11.89 -0.25 -16.49
N GLY A 57 -10.75 0.22 -15.93
CA GLY A 57 -10.72 0.92 -14.64
C GLY A 57 -10.85 2.46 -14.72
N ALA A 58 -10.29 3.10 -13.69
CA ALA A 58 -10.59 4.49 -13.37
C ALA A 58 -9.94 5.48 -14.34
N TRP A 59 -8.93 5.04 -15.11
CA TRP A 59 -8.33 5.88 -16.17
C TRP A 59 -7.52 7.06 -15.65
N TYR A 60 -6.83 6.89 -14.50
CA TYR A 60 -5.90 7.89 -14.01
C TYR A 60 -4.81 8.23 -15.06
N TRP A 61 -4.43 7.28 -15.93
CA TRP A 61 -3.40 7.57 -16.94
C TRP A 61 -3.77 8.76 -17.83
N ARG A 62 -5.09 8.87 -18.13
CA ARG A 62 -5.57 9.93 -19.01
C ARG A 62 -6.26 11.05 -18.26
N ASN A 63 -6.86 10.76 -17.09
CA ASN A 63 -7.70 11.71 -16.36
C ASN A 63 -7.00 12.30 -15.15
N TYR A 64 -5.67 12.17 -15.11
CA TYR A 64 -4.90 12.64 -13.95
C TYR A 64 -5.23 14.11 -13.60
N GLU A 65 -5.36 15.00 -14.62
CA GLU A 65 -5.60 16.40 -14.28
C GLU A 65 -6.91 16.57 -13.51
N LYS A 66 -7.97 15.83 -13.91
CA LYS A 66 -9.22 15.93 -13.18
C LYS A 66 -9.10 15.37 -11.76
N ILE A 67 -8.27 14.33 -11.62
CA ILE A 67 -8.12 13.72 -10.30
C ILE A 67 -7.29 14.64 -9.41
N HIS A 68 -6.24 15.25 -9.97
CA HIS A 68 -5.46 16.20 -9.21
C HIS A 68 -6.31 17.40 -8.80
N GLN A 69 -7.21 17.83 -9.69
CA GLN A 69 -8.01 19.00 -9.35
C GLN A 69 -9.02 18.60 -8.27
N LEU A 70 -9.53 17.36 -8.32
CA LEU A 70 -10.45 16.92 -7.28
C LEU A 70 -9.70 16.96 -5.95
N ALA A 71 -8.43 16.51 -5.94
CA ALA A 71 -7.67 16.50 -4.69
C ALA A 71 -7.51 17.90 -4.11
N VAL A 72 -7.13 18.86 -4.94
CA VAL A 72 -6.99 20.23 -4.43
C VAL A 72 -8.34 20.78 -3.98
N ASP A 73 -9.41 20.52 -4.75
CA ASP A 73 -10.75 20.98 -4.44
C ASP A 73 -11.24 20.47 -3.09
N PHE A 74 -10.78 19.28 -2.65
CA PHE A 74 -11.17 18.73 -1.35
C PHE A 74 -10.11 18.88 -0.29
N GLY A 75 -9.21 19.87 -0.48
CA GLY A 75 -8.34 20.31 0.57
C GLY A 75 -7.03 19.53 0.71
N MET A 76 -6.71 18.63 -0.24
CA MET A 76 -5.48 17.83 -0.12
C MET A 76 -4.25 18.66 -0.49
N ASP A 77 -3.11 18.40 0.16
CA ASP A 77 -1.88 19.11 -0.20
C ASP A 77 -0.81 18.16 -0.74
N THR A 78 -1.11 16.84 -0.75
CA THR A 78 -0.10 15.87 -1.14
C THR A 78 -0.85 14.66 -1.72
N LEU A 79 -0.35 14.08 -2.82
CA LEU A 79 -0.79 12.75 -3.21
C LEU A 79 0.42 11.83 -3.25
N ARG A 80 0.23 10.58 -2.79
CA ARG A 80 1.22 9.53 -2.99
C ARG A 80 0.74 8.70 -4.17
N ILE A 81 1.60 8.57 -5.20
CA ILE A 81 1.25 7.84 -6.41
C ILE A 81 2.31 6.74 -6.65
N GLY A 82 1.94 5.73 -7.45
CA GLY A 82 2.89 4.67 -7.76
C GLY A 82 3.47 4.83 -9.18
N ILE A 83 4.72 4.41 -9.35
CA ILE A 83 5.29 4.25 -10.68
C ILE A 83 5.41 2.74 -10.94
N GLU A 84 4.93 2.28 -12.09
CA GLU A 84 5.02 0.87 -12.44
C GLU A 84 6.38 0.57 -13.08
N TRP A 85 7.22 -0.22 -12.38
CA TRP A 85 8.48 -0.72 -12.91
C TRP A 85 8.35 -1.28 -14.33
N SER A 86 7.29 -2.02 -14.55
CA SER A 86 6.98 -2.63 -15.84
C SER A 86 6.78 -1.62 -16.98
N ARG A 87 6.26 -0.42 -16.65
CA ARG A 87 6.12 0.62 -17.66
C ARG A 87 7.48 1.22 -17.99
N ILE A 88 8.30 1.49 -16.95
CA ILE A 88 9.60 2.12 -17.21
C ILE A 88 10.57 1.17 -17.92
N PHE A 89 10.60 -0.11 -17.48
CA PHE A 89 11.48 -1.09 -18.10
C PHE A 89 10.68 -2.31 -18.51
N PRO A 90 10.01 -2.25 -19.70
CA PRO A 90 9.30 -3.40 -20.24
C PRO A 90 10.20 -4.56 -20.65
N THR A 91 11.51 -4.32 -20.82
CA THR A 91 12.44 -5.38 -21.15
C THR A 91 13.51 -5.40 -20.06
N SER A 92 14.05 -6.59 -19.79
CA SER A 92 14.99 -6.83 -18.69
C SER A 92 16.21 -5.91 -18.71
N THR A 93 16.62 -5.46 -17.52
CA THR A 93 17.85 -4.69 -17.30
C THR A 93 18.97 -5.60 -16.79
N LYS A 94 18.77 -6.93 -16.85
CA LYS A 94 19.71 -7.87 -16.23
C LYS A 94 21.10 -7.81 -16.87
N GLU A 95 21.21 -7.37 -18.13
CA GLU A 95 22.52 -7.33 -18.77
C GLU A 95 23.28 -6.03 -18.52
N ILE A 96 22.70 -5.08 -17.76
CA ILE A 96 23.39 -3.81 -17.57
C ILE A 96 23.90 -3.78 -16.14
N PRO A 97 25.22 -3.90 -15.93
CA PRO A 97 25.77 -3.97 -14.57
C PRO A 97 25.80 -2.65 -13.81
N PHE A 98 25.88 -2.79 -12.47
CA PHE A 98 26.11 -1.60 -11.66
C PHE A 98 27.42 -0.94 -12.09
N GLY A 99 27.55 0.36 -11.83
CA GLY A 99 28.84 1.00 -12.04
C GLY A 99 28.75 2.18 -12.99
N GLU A 100 29.92 2.70 -13.33
CA GLU A 100 30.08 3.74 -14.33
C GLU A 100 29.32 3.36 -15.61
N GLY A 101 28.53 4.30 -16.11
CA GLY A 101 27.83 4.08 -17.36
C GLY A 101 26.50 3.34 -17.19
N MET A 102 26.17 2.91 -15.95
CA MET A 102 24.88 2.21 -15.77
C MET A 102 23.69 3.09 -16.16
N LEU A 103 23.67 4.33 -15.65
CA LEU A 103 22.50 5.20 -15.82
C LEU A 103 22.29 5.47 -17.31
N GLU A 104 23.38 5.65 -18.07
CA GLU A 104 23.20 5.97 -19.47
C GLU A 104 22.71 4.75 -20.24
N LYS A 105 23.20 3.57 -19.87
CA LYS A 105 22.71 2.36 -20.53
C LYS A 105 21.25 2.11 -20.16
N LEU A 106 20.90 2.41 -18.90
CA LEU A 106 19.48 2.20 -18.56
C LEU A 106 18.60 3.19 -19.35
N ASP A 107 19.09 4.42 -19.55
CA ASP A 107 18.32 5.40 -20.31
C ASP A 107 18.13 4.94 -21.75
N GLU A 108 19.11 4.20 -22.30
CA GLU A 108 18.98 3.72 -23.67
C GLU A 108 17.94 2.63 -23.82
N ILE A 109 17.67 1.87 -22.73
CA ILE A 109 16.73 0.75 -22.82
C ILE A 109 15.35 1.13 -22.22
N ALA A 110 15.28 2.21 -21.43
CA ALA A 110 14.03 2.60 -20.78
C ALA A 110 12.94 2.98 -21.78
N ASN A 111 11.67 2.85 -21.34
CA ASN A 111 10.55 3.23 -22.19
C ASN A 111 10.32 4.73 -21.96
N LYS A 112 10.90 5.57 -22.83
CA LYS A 112 10.95 7.01 -22.57
C LYS A 112 9.55 7.62 -22.69
N GLU A 113 8.65 7.00 -23.46
CA GLU A 113 7.28 7.51 -23.51
C GLU A 113 6.62 7.44 -22.12
N ALA A 114 6.84 6.33 -21.40
CA ALA A 114 6.31 6.17 -20.04
C ALA A 114 6.97 7.15 -19.09
N VAL A 115 8.29 7.29 -19.21
CA VAL A 115 9.00 8.24 -18.36
C VAL A 115 8.42 9.63 -18.60
N GLU A 116 8.19 10.00 -19.87
CA GLU A 116 7.73 11.36 -20.13
C GLU A 116 6.30 11.56 -19.60
N HIS A 117 5.49 10.47 -19.65
CA HIS A 117 4.11 10.58 -19.18
C HIS A 117 4.05 10.78 -17.67
N TYR A 118 4.83 9.99 -16.93
CA TYR A 118 4.91 10.19 -15.49
C TYR A 118 5.38 11.59 -15.19
N ARG A 119 6.36 12.08 -15.95
CA ARG A 119 6.79 13.45 -15.76
C ARG A 119 5.64 14.44 -15.92
N LYS A 120 4.85 14.31 -17.00
CA LYS A 120 3.74 15.21 -17.19
C LYS A 120 2.76 15.16 -16.01
N MET A 121 2.50 13.95 -15.51
CA MET A 121 1.54 13.82 -14.42
C MET A 121 2.04 14.51 -13.17
N MET A 122 3.33 14.39 -12.85
CA MET A 122 3.85 15.02 -11.66
C MET A 122 4.00 16.55 -11.86
N GLU A 123 4.27 16.97 -13.10
CA GLU A 123 4.30 18.42 -13.36
C GLU A 123 2.92 19.04 -13.12
N ASP A 124 1.88 18.33 -13.55
CA ASP A 124 0.50 18.75 -13.27
C ASP A 124 0.21 18.85 -11.77
N MET A 125 0.61 17.82 -10.99
CA MET A 125 0.50 17.89 -9.53
C MET A 125 1.17 19.15 -8.99
N LYS A 126 2.41 19.39 -9.45
CA LYS A 126 3.16 20.55 -8.97
C LYS A 126 2.48 21.86 -9.35
N ALA A 127 1.99 21.96 -10.59
CA ALA A 127 1.33 23.15 -11.08
C ALA A 127 0.10 23.44 -10.22
N LYS A 128 -0.51 22.38 -9.69
CA LYS A 128 -1.74 22.53 -8.90
C LYS A 128 -1.44 22.73 -7.42
N GLY A 129 -0.16 22.68 -7.05
CA GLY A 129 0.26 22.93 -5.67
C GLY A 129 0.27 21.66 -4.81
N LEU A 130 0.25 20.45 -5.41
CA LEU A 130 0.29 19.22 -4.61
C LEU A 130 1.72 18.75 -4.44
N LYS A 131 2.14 18.38 -3.22
CA LYS A 131 3.43 17.74 -3.02
C LYS A 131 3.39 16.35 -3.65
N VAL A 132 4.52 15.96 -4.23
CA VAL A 132 4.66 14.75 -5.03
C VAL A 132 5.35 13.66 -4.20
N PHE A 133 4.60 12.60 -3.86
CA PHE A 133 5.13 11.52 -3.05
C PHE A 133 5.12 10.28 -3.92
N VAL A 134 6.30 9.77 -4.34
CA VAL A 134 6.39 8.68 -5.28
C VAL A 134 6.74 7.41 -4.50
N ASN A 135 5.98 6.35 -4.80
CA ASN A 135 6.29 5.03 -4.26
C ASN A 135 6.68 4.12 -5.45
N LEU A 136 7.83 3.44 -5.36
CA LEU A 136 8.43 2.84 -6.55
C LEU A 136 7.92 1.43 -6.86
N ASN A 137 7.31 0.75 -5.87
CA ASN A 137 6.78 -0.56 -6.24
C ASN A 137 5.51 -0.80 -5.42
N HIS A 138 4.49 -1.36 -6.09
CA HIS A 138 3.22 -1.55 -5.40
C HIS A 138 2.64 -2.87 -5.87
N PHE A 139 3.19 -3.95 -5.33
CA PHE A 139 2.78 -5.32 -5.60
C PHE A 139 3.18 -5.77 -7.00
N THR A 140 2.70 -5.12 -8.08
CA THR A 140 2.96 -5.68 -9.41
C THR A 140 4.46 -5.71 -9.72
N LEU A 141 4.86 -6.72 -10.50
CA LEU A 141 6.24 -6.89 -10.92
C LEU A 141 6.25 -7.12 -12.43
N PRO A 142 7.31 -6.66 -13.15
CA PRO A 142 7.41 -7.00 -14.57
C PRO A 142 7.45 -8.51 -14.81
N LEU A 143 6.90 -8.93 -15.94
CA LEU A 143 6.89 -10.36 -16.27
C LEU A 143 8.30 -10.90 -16.51
N TRP A 144 9.30 -10.05 -16.84
CA TRP A 144 10.67 -10.56 -16.95
C TRP A 144 11.30 -10.77 -15.56
N ILE A 145 10.64 -10.26 -14.50
CA ILE A 145 11.04 -10.46 -13.11
C ILE A 145 10.27 -11.64 -12.48
N HIS A 146 8.99 -11.76 -12.82
CA HIS A 146 8.12 -12.77 -12.21
C HIS A 146 7.22 -13.41 -13.27
N ASP A 147 7.36 -14.72 -13.42
CA ASP A 147 6.42 -15.49 -14.21
C ASP A 147 5.52 -16.22 -13.22
N PRO A 148 4.33 -15.67 -12.84
CA PRO A 148 3.62 -16.26 -11.71
C PRO A 148 3.08 -17.65 -12.01
N PHE A 149 2.94 -18.02 -13.30
CA PHE A 149 2.32 -19.31 -13.62
C PHE A 149 3.34 -20.43 -13.57
N ALA A 150 4.59 -20.13 -13.93
CA ALA A 150 5.65 -21.13 -13.83
C ALA A 150 5.85 -21.42 -12.35
N VAL A 151 5.85 -20.34 -11.55
CA VAL A 151 6.07 -20.52 -10.13
C VAL A 151 4.91 -21.30 -9.50
N ARG A 152 3.68 -20.87 -9.81
CA ARG A 152 2.50 -21.51 -9.27
C ARG A 152 2.60 -23.02 -9.47
N LYS A 153 3.07 -23.44 -10.65
CA LYS A 153 2.99 -24.84 -11.05
C LYS A 153 4.29 -25.60 -10.75
N GLY A 154 5.26 -24.93 -10.13
CA GLY A 154 6.50 -25.56 -9.71
C GLY A 154 7.42 -25.88 -10.90
N LYS A 155 7.22 -25.18 -12.01
CA LYS A 155 8.01 -25.43 -13.21
C LYS A 155 9.27 -24.57 -13.15
N PRO A 156 10.41 -25.06 -13.70
CA PRO A 156 11.65 -24.28 -13.68
C PRO A 156 11.55 -22.93 -14.38
N THR A 157 12.08 -21.92 -13.68
CA THR A 157 12.14 -20.55 -14.15
C THR A 157 13.21 -19.81 -13.36
N ASP A 158 13.84 -18.86 -14.05
CA ASP A 158 14.61 -17.85 -13.37
C ASP A 158 13.73 -16.70 -12.89
N LYS A 159 12.49 -16.60 -13.38
CA LYS A 159 11.65 -15.42 -13.09
C LYS A 159 10.81 -15.66 -11.84
N LEU A 160 11.47 -15.68 -10.69
CA LEU A 160 10.86 -16.11 -9.44
C LEU A 160 10.32 -14.95 -8.62
N GLY A 161 10.25 -13.74 -9.20
CA GLY A 161 9.79 -12.61 -8.40
C GLY A 161 10.75 -12.33 -7.25
N TRP A 162 10.21 -12.00 -6.07
CA TRP A 162 11.03 -11.64 -4.90
C TRP A 162 11.83 -12.82 -4.34
N VAL A 163 11.51 -14.02 -4.82
CA VAL A 163 12.28 -15.19 -4.41
C VAL A 163 13.64 -15.22 -5.13
N SER A 164 13.70 -14.60 -6.31
CA SER A 164 14.95 -14.57 -7.07
C SER A 164 15.91 -13.53 -6.49
N ASP A 165 17.16 -13.93 -6.24
CA ASP A 165 18.19 -12.98 -5.81
C ASP A 165 18.45 -11.90 -6.85
N ASP A 166 18.10 -12.11 -8.13
CA ASP A 166 18.29 -11.07 -9.15
C ASP A 166 17.37 -9.86 -8.91
N THR A 167 16.18 -10.10 -8.31
CA THR A 167 15.14 -9.08 -8.21
C THR A 167 15.61 -7.85 -7.43
N PRO A 168 16.14 -7.97 -6.19
CA PRO A 168 16.57 -6.77 -5.46
C PRO A 168 17.63 -6.02 -6.27
N LYS A 169 18.48 -6.77 -6.99
CA LYS A 169 19.52 -6.12 -7.77
C LYS A 169 18.91 -5.27 -8.90
N GLU A 170 18.01 -5.86 -9.66
CA GLU A 170 17.41 -5.07 -10.75
C GLU A 170 16.58 -3.90 -10.19
N PHE A 171 15.96 -4.12 -9.03
CA PHE A 171 15.10 -3.07 -8.49
C PHE A 171 15.96 -1.86 -8.12
N ALA A 172 17.17 -2.12 -7.56
CA ALA A 172 18.07 -1.03 -7.21
C ALA A 172 18.44 -0.19 -8.44
N LYS A 173 18.59 -0.84 -9.59
CA LYS A 173 18.92 -0.13 -10.83
C LYS A 173 17.76 0.79 -11.19
N TYR A 174 16.53 0.22 -11.19
CA TYR A 174 15.33 0.98 -11.49
C TYR A 174 15.16 2.19 -10.54
N ALA A 175 15.34 1.98 -9.23
CA ALA A 175 15.18 3.05 -8.25
C ALA A 175 16.18 4.16 -8.53
N GLU A 176 17.43 3.78 -8.84
CA GLU A 176 18.39 4.84 -9.09
C GLU A 176 18.05 5.58 -10.36
N TYR A 177 17.61 4.84 -11.39
CA TYR A 177 17.24 5.51 -12.64
C TYR A 177 16.13 6.56 -12.42
N ILE A 178 15.08 6.17 -11.70
CA ILE A 178 13.98 7.10 -11.45
C ILE A 178 14.43 8.31 -10.61
N ALA A 179 15.29 8.09 -9.59
CA ALA A 179 15.71 9.20 -8.75
C ALA A 179 16.53 10.17 -9.63
N TRP A 180 17.34 9.62 -10.53
CA TRP A 180 18.18 10.43 -11.42
C TRP A 180 17.29 11.26 -12.34
N LYS A 181 16.22 10.65 -12.85
CA LYS A 181 15.35 11.36 -13.78
C LYS A 181 14.43 12.35 -13.08
N PHE A 182 14.01 12.09 -11.84
CA PHE A 182 12.91 12.87 -11.26
C PHE A 182 13.29 13.55 -9.94
N SER A 183 14.58 13.60 -9.61
CA SER A 183 14.99 14.20 -8.33
C SER A 183 14.52 15.65 -8.20
N ASP A 184 14.29 16.37 -9.30
CA ASP A 184 13.93 17.79 -9.24
C ASP A 184 12.44 18.02 -8.96
N ILE A 185 11.58 16.99 -9.02
CA ILE A 185 10.16 17.24 -8.79
C ILE A 185 9.59 16.36 -7.65
N VAL A 186 10.31 15.35 -7.15
CA VAL A 186 9.75 14.48 -6.12
C VAL A 186 10.02 15.03 -4.73
N ASP A 187 8.97 15.16 -3.89
CA ASP A 187 9.12 15.67 -2.52
C ASP A 187 9.44 14.56 -1.52
N TYR A 188 8.87 13.37 -1.77
CA TYR A 188 9.07 12.27 -0.84
C TYR A 188 9.11 10.96 -1.64
N TRP A 189 9.95 10.01 -1.20
CA TRP A 189 10.14 8.72 -1.85
C TRP A 189 9.77 7.61 -0.89
N SER A 190 9.11 6.61 -1.47
CA SER A 190 9.00 5.30 -0.82
C SER A 190 9.51 4.24 -1.80
N SER A 191 10.33 3.29 -1.30
CA SER A 191 10.83 2.21 -2.14
C SER A 191 9.65 1.31 -2.55
N MET A 192 8.79 0.97 -1.59
CA MET A 192 7.82 -0.08 -1.90
C MET A 192 6.62 -0.01 -0.93
N ASN A 193 5.55 -0.75 -1.27
CA ASN A 193 4.32 -0.64 -0.52
C ASN A 193 3.89 -2.01 0.01
N GLU A 194 3.77 -2.12 1.35
CA GLU A 194 3.31 -3.31 2.06
C GLU A 194 4.05 -4.58 1.62
N PRO A 195 5.40 -4.65 1.77
CA PRO A 195 6.14 -5.84 1.35
C PRO A 195 5.72 -7.10 2.10
N HIS A 196 5.18 -6.95 3.32
CA HIS A 196 4.80 -8.15 4.08
C HIS A 196 3.55 -8.76 3.43
N VAL A 197 2.69 -7.90 2.88
CA VAL A 197 1.51 -8.40 2.16
C VAL A 197 1.95 -9.23 0.96
N VAL A 198 2.88 -8.67 0.14
CA VAL A 198 3.35 -9.40 -1.04
C VAL A 198 3.83 -10.79 -0.62
N ALA A 199 4.63 -10.83 0.45
CA ALA A 199 5.29 -12.09 0.79
C ALA A 199 4.28 -13.05 1.43
N GLN A 200 3.47 -12.55 2.38
CA GLN A 200 2.57 -13.43 3.12
C GLN A 200 1.49 -13.97 2.19
N LEU A 201 0.91 -13.10 1.35
CA LEU A 201 -0.21 -13.58 0.51
C LEU A 201 0.32 -14.39 -0.66
N GLY A 202 1.55 -14.12 -1.09
CA GLY A 202 2.19 -14.83 -2.20
C GLY A 202 2.48 -16.29 -1.83
N TYR A 203 2.95 -16.51 -0.57
CA TYR A 203 3.64 -17.76 -0.31
C TYR A 203 3.21 -18.43 1.02
N PHE A 204 2.28 -17.82 1.74
CA PHE A 204 1.91 -18.38 3.04
C PHE A 204 0.37 -18.45 3.19
N GLN A 205 -0.31 -17.30 3.22
CA GLN A 205 -1.78 -17.25 3.31
C GLN A 205 -2.32 -17.18 1.90
N ILE A 206 -2.39 -18.37 1.27
CA ILE A 206 -2.61 -18.44 -0.17
C ILE A 206 -4.11 -18.44 -0.49
N MET A 207 -4.97 -18.20 0.50
CA MET A 207 -6.40 -18.08 0.19
C MET A 207 -6.83 -16.67 -0.20
N ALA A 208 -5.91 -15.70 -0.26
CA ALA A 208 -6.30 -14.36 -0.67
C ALA A 208 -6.24 -14.17 -2.19
N GLY A 209 -5.77 -15.15 -2.96
CA GLY A 209 -5.79 -15.00 -4.41
C GLY A 209 -4.63 -14.19 -5.01
N PHE A 210 -3.52 -14.10 -4.29
CA PHE A 210 -2.34 -13.31 -4.76
C PHE A 210 -1.27 -14.24 -5.37
N PRO A 211 -0.45 -13.74 -6.31
CA PRO A 211 0.62 -14.54 -6.93
C PRO A 211 1.81 -14.76 -5.98
N PRO A 212 2.62 -15.82 -6.15
CA PRO A 212 2.37 -16.83 -7.18
C PRO A 212 1.44 -17.93 -6.64
N ASN A 213 0.84 -17.69 -5.47
CA ASN A 213 -0.07 -18.62 -4.83
C ASN A 213 0.60 -19.99 -4.71
N TYR A 214 1.80 -19.96 -4.13
CA TYR A 214 2.60 -21.18 -3.99
C TYR A 214 3.01 -21.29 -2.53
N PHE A 215 2.38 -22.21 -1.77
CA PHE A 215 2.66 -22.30 -0.35
C PHE A 215 4.11 -22.77 -0.13
N ASN A 216 4.91 -21.92 0.52
CA ASN A 216 6.29 -22.27 0.83
C ASN A 216 6.76 -21.31 1.92
N PRO A 217 6.70 -21.72 3.21
CA PRO A 217 7.08 -20.82 4.31
C PRO A 217 8.49 -20.23 4.17
N GLU A 218 9.43 -21.00 3.60
CA GLU A 218 10.80 -20.53 3.38
C GLU A 218 10.80 -19.41 2.34
N TRP A 219 9.96 -19.57 1.29
CA TRP A 219 9.86 -18.50 0.30
C TRP A 219 9.13 -17.26 0.82
N TYR A 220 8.17 -17.47 1.72
CA TYR A 220 7.60 -16.32 2.42
C TYR A 220 8.73 -15.47 3.04
N ILE A 221 9.58 -16.11 3.86
CA ILE A 221 10.62 -15.35 4.58
C ILE A 221 11.67 -14.82 3.60
N LYS A 222 11.99 -15.62 2.59
CA LYS A 222 13.01 -15.22 1.63
C LYS A 222 12.58 -14.00 0.82
N SER A 223 11.30 -14.00 0.36
CA SER A 223 10.79 -12.86 -0.39
C SER A 223 10.74 -11.61 0.50
N LEU A 224 10.42 -11.80 1.79
CA LEU A 224 10.40 -10.66 2.69
C LEU A 224 11.80 -10.06 2.85
N LYS A 225 12.82 -10.93 3.01
CA LYS A 225 14.20 -10.47 3.20
C LYS A 225 14.75 -9.87 1.91
N ASN A 226 14.39 -10.47 0.77
CA ASN A 226 14.84 -9.87 -0.48
C ASN A 226 14.23 -8.49 -0.71
N GLN A 227 12.99 -8.29 -0.29
CA GLN A 227 12.38 -6.97 -0.35
C GLN A 227 13.09 -6.00 0.58
N ALA A 228 13.57 -6.47 1.72
CA ALA A 228 14.24 -5.51 2.62
C ALA A 228 15.61 -5.11 2.05
N LEU A 229 16.27 -6.08 1.42
CA LEU A 229 17.54 -5.82 0.74
C LEU A 229 17.30 -4.84 -0.40
N ALA A 230 16.25 -5.08 -1.20
CA ALA A 230 15.87 -4.12 -2.24
C ALA A 230 15.65 -2.70 -1.67
N HIS A 231 14.92 -2.61 -0.55
CA HIS A 231 14.71 -1.28 0.01
C HIS A 231 16.07 -0.64 0.35
N ASN A 232 16.92 -1.40 1.04
CA ASN A 232 18.19 -0.82 1.52
C ASN A 232 19.05 -0.35 0.34
N LEU A 233 19.12 -1.19 -0.70
CA LEU A 233 19.87 -0.80 -1.90
C LEU A 233 19.27 0.44 -2.55
N ALA A 234 17.93 0.48 -2.67
CA ALA A 234 17.21 1.62 -3.23
C ALA A 234 17.44 2.90 -2.44
N TYR A 235 17.48 2.81 -1.11
CA TYR A 235 17.67 4.03 -0.34
C TYR A 235 19.03 4.65 -0.70
N ASP A 236 20.09 3.83 -0.68
CA ASP A 236 21.43 4.27 -1.02
C ASP A 236 21.46 4.86 -2.43
N ALA A 237 20.79 4.19 -3.38
CA ALA A 237 20.79 4.62 -4.78
C ALA A 237 20.03 5.94 -4.98
N ILE A 238 18.85 6.10 -4.32
CA ILE A 238 18.11 7.35 -4.49
C ILE A 238 18.94 8.49 -3.91
N LYS A 239 19.58 8.21 -2.79
CA LYS A 239 20.27 9.27 -2.07
C LYS A 239 21.49 9.77 -2.86
N LYS A 240 21.91 9.04 -3.90
CA LYS A 240 22.95 9.55 -4.79
C LYS A 240 22.46 10.77 -5.55
N HIS A 241 21.12 10.99 -5.62
CA HIS A 241 20.57 11.99 -6.54
C HIS A 241 19.67 13.01 -5.84
N THR A 242 19.40 12.82 -4.56
CA THR A 242 18.50 13.74 -3.86
C THR A 242 18.80 13.64 -2.39
N ASP A 243 18.47 14.72 -1.68
CA ASP A 243 18.53 14.68 -0.23
C ASP A 243 17.09 14.59 0.33
N LYS A 244 16.08 14.52 -0.56
CA LYS A 244 14.70 14.48 -0.07
C LYS A 244 14.45 13.18 0.74
N PRO A 245 13.41 13.14 1.61
CA PRO A 245 13.20 11.98 2.47
C PRO A 245 12.91 10.71 1.65
N VAL A 246 13.48 9.59 2.09
CA VAL A 246 13.25 8.28 1.48
C VAL A 246 12.87 7.32 2.61
N GLY A 247 11.77 6.57 2.43
CA GLY A 247 11.28 5.69 3.47
C GLY A 247 10.66 4.46 2.83
N VAL A 248 9.79 3.79 3.59
CA VAL A 248 9.06 2.63 3.07
C VAL A 248 7.64 2.76 3.63
N ILE A 249 6.68 2.16 2.91
CA ILE A 249 5.27 2.20 3.28
C ILE A 249 4.91 0.75 3.68
N TYR A 250 4.49 0.57 4.93
CA TYR A 250 4.42 -0.76 5.50
C TYR A 250 3.00 -0.98 6.04
N SER A 251 2.46 -2.19 5.84
CA SER A 251 1.17 -2.54 6.44
C SER A 251 1.37 -3.04 7.88
N PHE A 252 1.02 -2.21 8.88
CA PHE A 252 1.15 -2.63 10.27
C PHE A 252 -0.16 -3.23 10.78
N THR A 253 -0.02 -4.34 11.51
CA THR A 253 -1.17 -4.98 12.16
C THR A 253 -1.05 -4.83 13.66
N TRP A 254 -2.14 -4.36 14.30
CA TRP A 254 -2.16 -4.36 15.76
C TRP A 254 -2.74 -5.72 16.17
N PHE A 255 -2.11 -6.40 17.16
CA PHE A 255 -2.69 -7.63 17.63
C PHE A 255 -3.21 -7.46 19.06
N ASP A 256 -4.42 -8.01 19.32
CA ASP A 256 -4.97 -8.20 20.66
C ASP A 256 -5.12 -9.69 20.90
N THR A 257 -4.71 -10.14 22.10
CA THR A 257 -4.95 -11.55 22.43
C THR A 257 -6.40 -11.71 22.90
N LEU A 258 -6.97 -12.89 22.62
CA LEU A 258 -8.32 -13.25 23.05
C LEU A 258 -8.40 -13.29 24.59
N LYS A 259 -7.37 -13.81 25.24
CA LYS A 259 -7.38 -13.98 26.68
C LYS A 259 -6.27 -13.10 27.27
N PRO A 260 -6.41 -12.64 28.52
CA PRO A 260 -5.30 -11.95 29.17
C PRO A 260 -4.16 -12.92 29.49
N ASN A 261 -2.97 -12.37 29.76
CA ASN A 261 -1.80 -13.15 30.17
C ASN A 261 -1.31 -14.00 28.98
N ASP A 262 -1.37 -13.43 27.76
CA ASP A 262 -0.81 -14.09 26.57
C ASP A 262 0.19 -13.16 25.86
N GLU A 263 1.03 -12.46 26.64
CA GLU A 263 1.94 -11.50 26.04
C GLU A 263 2.95 -12.17 25.11
N GLU A 264 3.28 -13.46 25.33
CA GLU A 264 4.27 -14.11 24.48
C GLU A 264 3.76 -14.15 23.02
N ILE A 265 2.50 -14.57 22.84
CA ILE A 265 1.98 -14.65 21.47
C ILE A 265 1.81 -13.27 20.87
N PHE A 266 1.47 -12.26 21.70
CA PHE A 266 1.45 -10.88 21.25
C PHE A 266 2.81 -10.52 20.62
N GLU A 267 3.91 -10.75 21.36
CA GLU A 267 5.22 -10.32 20.87
C GLU A 267 5.62 -11.13 19.65
N ASN A 268 5.27 -12.42 19.63
CA ASN A 268 5.63 -13.27 18.50
C ASN A 268 4.92 -12.75 17.23
N ALA A 269 3.61 -12.46 17.33
CA ALA A 269 2.83 -12.02 16.17
C ALA A 269 3.32 -10.62 15.74
N MET A 270 3.56 -9.72 16.69
CA MET A 270 4.07 -8.39 16.36
C MET A 270 5.40 -8.48 15.61
N TRP A 271 6.30 -9.37 16.08
CA TRP A 271 7.58 -9.56 15.40
C TRP A 271 7.38 -10.10 13.98
N LEU A 272 6.60 -11.17 13.84
CA LEU A 272 6.51 -11.75 12.51
C LEU A 272 5.85 -10.73 11.55
N ALA A 273 4.75 -10.11 11.98
CA ALA A 273 3.93 -9.33 11.06
C ALA A 273 4.54 -7.94 10.81
N ASN A 274 5.30 -7.42 11.78
CA ASN A 274 5.71 -6.01 11.72
C ASN A 274 7.24 -5.86 11.80
N TRP A 275 7.85 -6.37 12.89
CA TRP A 275 9.22 -6.02 13.21
C TRP A 275 10.26 -6.77 12.39
N ASN A 276 9.96 -8.00 11.95
CA ASN A 276 10.94 -8.76 11.19
C ASN A 276 11.47 -7.91 10.03
N TYR A 277 10.57 -7.45 9.13
CA TYR A 277 11.01 -6.64 8.00
C TYR A 277 11.55 -5.28 8.45
N MET A 278 10.79 -4.60 9.32
CA MET A 278 11.11 -3.22 9.63
C MET A 278 12.47 -3.14 10.33
N ASP A 279 12.81 -4.16 11.11
CA ASP A 279 14.14 -4.14 11.74
C ASP A 279 15.26 -4.26 10.71
N GLN A 280 15.00 -4.89 9.54
CA GLN A 280 16.01 -5.03 8.50
C GLN A 280 16.24 -3.71 7.76
N VAL A 281 15.27 -2.78 7.75
CA VAL A 281 15.44 -1.56 6.95
C VAL A 281 15.70 -0.34 7.85
N LYS A 282 15.70 -0.55 9.17
CA LYS A 282 15.61 0.56 10.12
C LYS A 282 16.79 1.54 9.97
N ASP A 283 17.91 1.11 9.38
CA ASP A 283 19.10 1.97 9.31
C ASP A 283 18.98 2.88 8.09
N LYS A 284 17.99 2.61 7.23
CA LYS A 284 17.87 3.30 5.95
C LYS A 284 16.44 3.79 5.73
N ILE A 285 15.93 4.55 6.73
CA ILE A 285 14.58 5.12 6.59
C ILE A 285 14.60 6.54 7.18
N ASP A 286 14.08 7.52 6.44
CA ASP A 286 13.97 8.88 6.97
C ASP A 286 12.60 9.06 7.66
N TYR A 287 11.62 8.20 7.31
CA TYR A 287 10.28 8.23 7.89
C TYR A 287 9.73 6.81 7.69
N ILE A 288 8.65 6.46 8.40
CA ILE A 288 7.96 5.19 8.19
C ILE A 288 6.54 5.54 7.74
N GLY A 289 6.13 4.96 6.58
CA GLY A 289 4.75 5.12 6.14
C GLY A 289 3.91 4.02 6.79
N VAL A 290 2.92 4.44 7.60
CA VAL A 290 2.08 3.53 8.35
C VAL A 290 0.79 3.36 7.55
N ASN A 291 0.55 2.14 7.08
CA ASN A 291 -0.73 1.80 6.47
C ASN A 291 -1.50 0.98 7.52
N TYR A 292 -2.73 1.38 7.82
CA TYR A 292 -3.51 0.79 8.89
C TYR A 292 -4.97 0.67 8.45
N TYR A 293 -5.50 -0.56 8.54
CA TYR A 293 -6.91 -0.74 8.30
C TYR A 293 -7.61 -1.29 9.54
N THR A 294 -7.09 -2.39 10.11
CA THR A 294 -7.74 -2.90 11.32
C THR A 294 -6.76 -3.74 12.13
N ARG A 295 -7.28 -4.43 13.15
CA ARG A 295 -6.44 -5.23 14.03
C ARG A 295 -6.58 -6.70 13.65
N SER A 296 -5.88 -7.59 14.38
CA SER A 296 -6.22 -9.02 14.41
C SER A 296 -6.31 -9.43 15.86
N VAL A 297 -7.24 -10.30 16.18
CA VAL A 297 -7.29 -10.92 17.49
C VAL A 297 -6.71 -12.33 17.34
N ILE A 298 -5.84 -12.72 18.26
CA ILE A 298 -5.11 -13.98 18.11
C ILE A 298 -5.23 -14.78 19.41
N ASP A 299 -4.99 -16.09 19.29
CA ASP A 299 -5.03 -16.96 20.46
C ASP A 299 -3.96 -18.04 20.30
N LYS A 300 -3.61 -18.74 21.39
CA LYS A 300 -2.53 -19.72 21.33
C LYS A 300 -2.94 -20.95 20.53
N LEU A 301 -2.01 -21.44 19.70
CA LEU A 301 -2.20 -22.66 18.93
C LEU A 301 -1.89 -23.83 19.87
N PRO A 302 -2.80 -24.80 20.06
CA PRO A 302 -2.53 -25.95 20.95
C PRO A 302 -1.19 -26.60 20.66
N THR A 303 -0.94 -26.83 19.37
CA THR A 303 0.34 -27.37 18.90
C THR A 303 1.02 -26.37 17.97
N PRO A 304 2.12 -25.75 18.45
CA PRO A 304 2.96 -24.88 17.62
C PRO A 304 3.50 -25.61 16.39
N VAL A 305 3.65 -24.84 15.31
CA VAL A 305 4.30 -25.32 14.12
C VAL A 305 5.65 -24.62 14.02
N ASN A 306 6.73 -25.43 13.89
CA ASN A 306 8.09 -24.97 13.72
C ASN A 306 8.43 -24.97 12.23
N PHE A 307 8.86 -23.82 11.72
CA PHE A 307 9.37 -23.80 10.37
C PHE A 307 10.87 -23.57 10.43
N LYS A 308 11.54 -23.70 9.27
CA LYS A 308 12.97 -23.45 9.22
C LYS A 308 13.28 -22.13 9.91
N ASP A 309 12.50 -21.08 9.59
CA ASP A 309 12.90 -19.72 9.88
C ASP A 309 12.18 -19.09 11.07
N PHE A 310 11.11 -19.72 11.59
CA PHE A 310 10.29 -19.12 12.64
C PHE A 310 9.36 -20.20 13.20
N GLU A 311 8.84 -19.96 14.40
CA GLU A 311 7.83 -20.76 15.07
C GLU A 311 6.50 -20.01 15.02
N LEU A 312 5.41 -20.75 14.73
CA LEU A 312 4.07 -20.20 14.80
C LEU A 312 3.38 -20.86 15.99
N ASN A 313 3.08 -20.05 17.03
CA ASN A 313 2.36 -20.64 18.16
C ASN A 313 1.05 -19.92 18.45
N TRP A 314 0.46 -19.32 17.41
CA TRP A 314 -0.79 -18.57 17.60
C TRP A 314 -1.61 -18.74 16.33
N TYR A 315 -2.89 -18.42 16.39
CA TYR A 315 -3.71 -18.43 15.19
C TYR A 315 -4.64 -17.23 15.28
N THR A 316 -5.29 -16.91 14.17
CA THR A 316 -6.14 -15.72 14.09
C THR A 316 -7.58 -16.12 14.41
N VAL A 317 -8.18 -15.40 15.36
CA VAL A 317 -9.53 -15.72 15.83
C VAL A 317 -10.54 -15.09 14.86
N ARG A 318 -11.51 -15.89 14.41
CA ARG A 318 -12.60 -15.43 13.53
C ARG A 318 -13.51 -14.46 14.28
N GLY A 319 -14.03 -13.44 13.58
CA GLY A 319 -15.05 -12.61 14.21
C GLY A 319 -14.53 -11.25 14.66
N TYR A 320 -13.21 -10.98 14.53
CA TYR A 320 -12.69 -9.66 14.83
C TYR A 320 -11.71 -9.26 13.74
N GLY A 321 -11.34 -7.97 13.70
CA GLY A 321 -10.21 -7.56 12.88
C GLY A 321 -10.49 -7.75 11.40
N TYR A 322 -9.59 -8.45 10.70
CA TYR A 322 -9.74 -8.70 9.27
C TYR A 322 -10.68 -9.86 9.00
N ALA A 323 -11.13 -10.53 10.05
CA ALA A 323 -11.87 -11.78 9.89
C ALA A 323 -13.35 -11.64 10.31
N CYS A 324 -14.03 -10.52 9.94
CA CYS A 324 -15.44 -10.39 10.33
C CYS A 324 -16.36 -10.69 9.14
N PRO A 325 -17.69 -10.88 9.36
CA PRO A 325 -18.63 -11.02 8.24
C PRO A 325 -18.57 -9.76 7.36
N GLU A 326 -18.52 -9.96 6.04
CA GLU A 326 -18.55 -8.82 5.12
C GLU A 326 -19.88 -8.09 5.27
N GLY A 327 -19.79 -6.76 5.46
CA GLY A 327 -20.95 -5.92 5.67
C GLY A 327 -21.69 -6.21 6.95
N GLY A 328 -21.08 -6.94 7.90
CA GLY A 328 -21.74 -7.21 9.17
C GLY A 328 -21.06 -6.48 10.34
N PHE A 329 -20.95 -7.21 11.46
CA PHE A 329 -20.42 -6.70 12.72
C PHE A 329 -19.38 -7.67 13.26
N ALA A 330 -18.38 -7.10 13.95
CA ALA A 330 -17.44 -7.92 14.71
C ALA A 330 -18.17 -8.44 15.96
N LEU A 331 -17.59 -9.51 16.56
CA LEU A 331 -18.06 -10.05 17.82
C LEU A 331 -17.88 -9.01 18.91
N SER A 332 -17.06 -8.00 18.67
CA SER A 332 -16.92 -6.90 19.62
C SER A 332 -18.16 -6.02 19.66
N GLY A 333 -19.05 -6.12 18.65
CA GLY A 333 -20.11 -5.11 18.43
C GLY A 333 -19.77 -4.02 17.41
N ARG A 334 -18.47 -3.85 17.11
CA ARG A 334 -18.05 -2.82 16.16
C ARG A 334 -18.56 -3.21 14.77
N PRO A 335 -18.95 -2.21 13.93
CA PRO A 335 -19.33 -2.52 12.55
C PRO A 335 -18.08 -3.03 11.83
N ALA A 336 -18.28 -3.83 10.79
CA ALA A 336 -17.17 -4.21 9.92
C ALA A 336 -17.48 -3.67 8.52
N SER A 337 -16.43 -3.53 7.72
CA SER A 337 -16.55 -2.98 6.37
C SER A 337 -17.15 -4.02 5.41
N GLU A 338 -17.34 -3.62 4.13
CA GLU A 338 -17.73 -4.63 3.12
C GLU A 338 -16.63 -5.61 2.74
N PHE A 339 -15.42 -5.45 3.32
CA PHE A 339 -14.37 -6.45 3.22
C PHE A 339 -14.34 -7.33 4.49
N GLY A 340 -15.21 -7.03 5.47
CA GLY A 340 -15.22 -7.81 6.71
C GLY A 340 -14.14 -7.31 7.69
N TRP A 341 -13.79 -6.02 7.59
CA TRP A 341 -12.70 -5.48 8.42
C TRP A 341 -13.28 -4.59 9.51
N GLU A 342 -13.04 -4.95 10.78
CA GLU A 342 -13.64 -4.28 11.93
C GLU A 342 -13.14 -2.83 12.01
N ILE A 343 -14.05 -1.90 12.37
CA ILE A 343 -13.65 -0.52 12.64
C ILE A 343 -13.00 -0.46 14.02
N TYR A 344 -11.70 -0.14 14.05
CA TYR A 344 -10.92 -0.26 15.31
C TYR A 344 -9.82 0.81 15.31
N PRO A 345 -10.20 2.11 15.38
CA PRO A 345 -9.21 3.18 15.31
C PRO A 345 -8.23 3.18 16.48
N GLU A 346 -8.57 2.52 17.60
CA GLU A 346 -7.60 2.53 18.70
C GLU A 346 -6.33 1.77 18.30
N GLY A 347 -6.46 0.77 17.40
CA GLY A 347 -5.31 0.05 16.86
C GLY A 347 -4.26 0.99 16.26
N LEU A 348 -4.72 2.05 15.58
CA LEU A 348 -3.77 2.99 14.99
C LEU A 348 -3.05 3.75 16.10
N TYR A 349 -3.80 4.18 17.13
CA TYR A 349 -3.10 4.84 18.23
C TYR A 349 -2.07 3.92 18.87
N TYR A 350 -2.48 2.69 19.24
CA TYR A 350 -1.53 1.74 19.82
C TYR A 350 -0.30 1.56 18.91
N LEU A 351 -0.49 1.39 17.58
CA LEU A 351 0.65 1.20 16.68
C LEU A 351 1.55 2.42 16.56
N LEU A 352 0.95 3.61 16.49
CA LEU A 352 1.78 4.83 16.37
C LEU A 352 2.72 4.89 17.58
N LYS A 353 2.20 4.64 18.79
CA LYS A 353 3.04 4.56 19.98
C LYS A 353 4.12 3.49 19.82
N ALA A 354 3.72 2.25 19.45
CA ALA A 354 4.67 1.14 19.42
C ALA A 354 5.78 1.37 18.39
N ILE A 355 5.40 1.85 17.21
CA ILE A 355 6.34 2.04 16.10
C ILE A 355 7.31 3.15 16.44
N TYR A 356 6.80 4.23 17.01
CA TYR A 356 7.65 5.34 17.38
C TYR A 356 8.62 4.95 18.50
N GLU A 357 8.14 4.16 19.45
CA GLU A 357 9.02 3.73 20.55
C GLU A 357 10.15 2.84 20.01
N ARG A 358 9.79 1.90 19.11
CA ARG A 358 10.78 0.99 18.56
C ARG A 358 11.84 1.71 17.70
N TYR A 359 11.43 2.65 16.82
CA TYR A 359 12.32 3.13 15.76
C TYR A 359 12.70 4.60 15.92
N ASN A 360 11.90 5.39 16.64
CA ASN A 360 12.13 6.81 16.82
C ASN A 360 12.30 7.52 15.48
N LYS A 361 11.41 7.27 14.53
CA LYS A 361 11.42 7.99 13.26
C LYS A 361 10.09 8.71 13.08
N PRO A 362 10.05 9.82 12.30
CA PRO A 362 8.78 10.45 11.96
C PRO A 362 7.88 9.44 11.22
N LEU A 363 6.58 9.52 11.49
CA LEU A 363 5.60 8.60 10.92
C LEU A 363 4.66 9.41 10.04
N ILE A 364 4.21 8.80 8.93
CA ILE A 364 3.13 9.40 8.14
C ILE A 364 2.10 8.30 7.99
N VAL A 365 0.80 8.57 8.24
CA VAL A 365 -0.20 7.53 7.98
C VAL A 365 -0.39 7.56 6.47
N THR A 366 0.14 6.56 5.76
CA THR A 366 0.13 6.56 4.29
C THR A 366 -1.09 5.89 3.65
N GLU A 367 -1.86 5.14 4.46
CA GLU A 367 -3.13 4.59 4.04
C GLU A 367 -3.97 4.38 5.28
N ASN A 368 -5.24 4.74 5.13
CA ASN A 368 -6.30 4.35 6.05
C ASN A 368 -7.59 4.54 5.29
N GLY A 369 -8.51 3.57 5.36
CA GLY A 369 -9.70 3.74 4.53
C GLY A 369 -10.64 2.56 4.80
N ILE A 370 -11.74 2.49 4.03
CA ILE A 370 -12.72 1.43 4.32
C ILE A 370 -13.46 1.11 3.04
N ALA A 371 -13.76 -0.18 2.85
CA ALA A 371 -14.64 -0.59 1.75
C ALA A 371 -16.08 -0.30 2.18
N ASP A 372 -16.70 0.70 1.51
CA ASP A 372 -17.95 1.27 2.03
C ASP A 372 -18.70 1.99 0.91
N GLU A 373 -19.38 1.23 0.05
CA GLU A 373 -19.86 1.86 -1.18
C GLU A 373 -21.05 2.79 -0.95
N LYS A 374 -21.76 2.65 0.18
CA LYS A 374 -22.89 3.51 0.49
C LYS A 374 -22.50 4.64 1.43
N ASP A 375 -21.21 4.76 1.76
CA ASP A 375 -20.70 5.81 2.64
C ASP A 375 -21.31 5.76 4.06
N LYS A 376 -21.64 4.57 4.56
CA LYS A 376 -22.33 4.49 5.83
C LYS A 376 -21.41 4.95 6.95
N TYR A 377 -20.12 4.58 6.86
CA TYR A 377 -19.21 4.75 7.99
C TYR A 377 -18.02 5.66 7.72
N ARG A 378 -17.72 5.96 6.44
CA ARG A 378 -16.41 6.50 6.09
C ARG A 378 -16.13 7.84 6.82
N SER A 379 -17.14 8.71 7.01
CA SER A 379 -16.94 9.94 7.79
C SER A 379 -16.43 9.60 9.20
N GLN A 380 -17.07 8.63 9.88
CA GLN A 380 -16.64 8.29 11.23
C GLN A 380 -15.25 7.63 11.24
N VAL A 381 -14.93 6.87 10.18
CA VAL A 381 -13.59 6.27 10.02
C VAL A 381 -12.55 7.40 9.95
N ILE A 382 -12.77 8.38 9.08
CA ILE A 382 -11.82 9.48 8.98
C ILE A 382 -11.65 10.18 10.32
N ILE A 383 -12.78 10.56 10.94
CA ILE A 383 -12.70 11.35 12.18
C ILE A 383 -12.01 10.53 13.27
N SER A 384 -12.41 9.26 13.45
CA SER A 384 -11.93 8.51 14.59
C SER A 384 -10.44 8.14 14.41
N HIS A 385 -10.02 7.88 13.17
CA HIS A 385 -8.60 7.58 12.97
C HIS A 385 -7.74 8.84 13.14
N LEU A 386 -8.23 10.00 12.68
CA LEU A 386 -7.53 11.24 13.02
C LEU A 386 -7.54 11.53 14.53
N TYR A 387 -8.62 11.17 15.24
CA TYR A 387 -8.59 11.21 16.72
C TYR A 387 -7.44 10.37 17.30
N ALA A 388 -7.28 9.12 16.80
CA ALA A 388 -6.13 8.29 17.12
C ALA A 388 -4.77 8.99 16.87
N VAL A 389 -4.59 9.62 15.71
CA VAL A 389 -3.36 10.35 15.36
C VAL A 389 -3.17 11.49 16.35
N GLU A 390 -4.23 12.22 16.65
CA GLU A 390 -4.08 13.39 17.51
C GLU A 390 -3.63 12.95 18.89
N LYS A 391 -4.20 11.84 19.38
CA LYS A 391 -3.90 11.38 20.72
C LYS A 391 -2.42 10.99 20.77
N ALA A 392 -1.97 10.23 19.77
CA ALA A 392 -0.55 9.89 19.67
C ALA A 392 0.31 11.14 19.66
N MET A 393 -0.10 12.12 18.85
CA MET A 393 0.76 13.31 18.73
C MET A 393 0.82 14.05 20.08
N ASN A 394 -0.32 14.11 20.76
CA ASN A 394 -0.41 14.77 22.05
C ASN A 394 0.56 14.12 23.04
N GLU A 395 0.85 12.82 22.88
CA GLU A 395 1.74 12.10 23.75
C GLU A 395 3.19 12.13 23.25
N GLY A 396 3.45 12.90 22.20
CA GLY A 396 4.78 13.18 21.73
C GLY A 396 5.20 12.35 20.52
N VAL A 397 4.27 11.58 19.94
CA VAL A 397 4.63 10.81 18.74
C VAL A 397 4.70 11.78 17.55
N ASP A 398 5.75 11.63 16.73
CA ASP A 398 5.98 12.54 15.61
C ASP A 398 5.20 12.04 14.39
N VAL A 399 4.01 12.59 14.13
CA VAL A 399 3.28 12.16 12.91
C VAL A 399 3.17 13.36 11.99
N ARG A 400 3.43 13.15 10.70
CA ARG A 400 3.60 14.26 9.78
C ARG A 400 2.46 14.30 8.75
N GLY A 401 1.54 13.32 8.75
CA GLY A 401 0.44 13.43 7.79
C GLY A 401 -0.54 12.25 7.81
N TYR A 402 -1.63 12.38 7.03
CA TYR A 402 -2.68 11.38 6.93
C TYR A 402 -3.11 11.36 5.47
N LEU A 403 -2.85 10.22 4.79
CA LEU A 403 -3.23 10.04 3.40
C LEU A 403 -4.29 8.94 3.42
N HIS A 404 -5.48 9.29 2.94
CA HIS A 404 -6.59 8.36 2.93
C HIS A 404 -6.43 7.39 1.76
N TRP A 405 -6.93 6.17 1.95
CA TRP A 405 -7.02 5.21 0.82
C TRP A 405 -8.51 4.99 0.51
N SER A 406 -9.02 5.59 -0.57
CA SER A 406 -8.26 6.42 -1.53
C SER A 406 -9.13 7.61 -1.95
N ILE A 407 -8.66 8.37 -2.93
CA ILE A 407 -9.42 9.51 -3.40
C ILE A 407 -10.61 9.03 -4.25
N ILE A 408 -10.44 7.92 -4.99
CA ILE A 408 -11.52 7.37 -5.81
C ILE A 408 -11.59 5.86 -5.68
N ASP A 409 -12.78 5.30 -6.01
CA ASP A 409 -12.88 3.84 -6.08
C ASP A 409 -11.95 3.32 -7.17
N ASN A 410 -11.39 2.11 -6.96
CA ASN A 410 -10.34 1.60 -7.84
C ASN A 410 -10.39 0.06 -7.87
N TYR A 411 -9.34 -0.56 -8.48
CA TYR A 411 -9.36 -1.99 -8.72
C TYR A 411 -8.72 -2.67 -7.52
N GLU A 412 -9.55 -3.30 -6.68
CA GLU A 412 -9.07 -3.89 -5.42
C GLU A 412 -8.58 -5.31 -5.69
N TRP A 413 -7.46 -5.44 -6.43
CA TRP A 413 -6.71 -6.71 -6.52
C TRP A 413 -7.62 -7.88 -6.89
N ALA A 414 -7.58 -8.99 -6.13
CA ALA A 414 -8.40 -10.14 -6.51
C ALA A 414 -9.91 -9.91 -6.35
N LYS A 415 -10.32 -8.84 -5.63
CA LYS A 415 -11.75 -8.53 -5.51
C LYS A 415 -12.27 -7.65 -6.65
N GLY A 416 -11.37 -7.12 -7.47
CA GLY A 416 -11.75 -6.23 -8.55
C GLY A 416 -12.43 -4.95 -8.04
N TYR A 417 -13.46 -4.50 -8.75
CA TYR A 417 -14.13 -3.24 -8.43
C TYR A 417 -15.17 -3.40 -7.32
N SER A 418 -15.36 -4.63 -6.82
CA SER A 418 -16.37 -4.93 -5.80
C SER A 418 -16.12 -4.24 -4.44
N LYS A 419 -14.87 -3.84 -4.13
CA LYS A 419 -14.64 -3.14 -2.86
C LYS A 419 -14.30 -1.68 -3.18
N ARG A 420 -15.10 -0.78 -2.63
CA ARG A 420 -15.11 0.62 -3.04
C ARG A 420 -14.60 1.43 -1.85
N PHE A 421 -13.35 1.90 -1.97
CA PHE A 421 -12.62 2.59 -0.89
C PHE A 421 -12.56 4.08 -1.15
N GLY A 422 -13.21 4.57 -2.21
CA GLY A 422 -13.03 5.98 -2.59
C GLY A 422 -13.74 7.01 -1.66
N LEU A 423 -13.05 8.13 -1.36
CA LEU A 423 -13.78 9.35 -0.95
C LEU A 423 -14.78 9.76 -2.03
N ALA A 424 -14.42 9.55 -3.29
CA ALA A 424 -15.35 9.79 -4.40
C ALA A 424 -15.71 8.47 -5.08
N TYR A 425 -16.99 8.37 -5.47
CA TYR A 425 -17.50 7.25 -6.24
C TYR A 425 -16.96 7.33 -7.66
N THR A 426 -16.48 6.20 -8.22
CA THR A 426 -16.01 6.17 -9.60
C THR A 426 -17.10 5.57 -10.47
N ASP A 427 -17.57 6.40 -11.41
CA ASP A 427 -18.45 5.89 -12.46
C ASP A 427 -17.57 5.32 -13.57
N LEU A 428 -17.52 3.99 -13.67
CA LEU A 428 -16.54 3.35 -14.54
C LEU A 428 -17.05 3.33 -16.00
N GLU A 429 -18.33 3.66 -16.21
CA GLU A 429 -18.83 3.87 -17.58
C GLU A 429 -18.37 5.23 -18.12
N LYS A 430 -18.51 6.31 -17.34
CA LYS A 430 -18.22 7.65 -17.83
C LYS A 430 -16.80 8.08 -17.50
N LYS A 431 -16.09 7.31 -16.67
CA LYS A 431 -14.81 7.73 -16.12
C LYS A 431 -14.93 9.09 -15.42
N THR A 432 -15.91 9.21 -14.54
CA THR A 432 -16.12 10.41 -13.76
C THR A 432 -16.12 10.06 -12.27
N TYR A 433 -15.93 11.07 -11.44
CA TYR A 433 -15.61 10.83 -10.04
C TYR A 433 -16.53 11.75 -9.24
N ILE A 434 -17.39 11.16 -8.41
CA ILE A 434 -18.41 11.94 -7.71
C ILE A 434 -18.15 11.87 -6.22
N PRO A 435 -17.73 13.00 -5.60
CA PRO A 435 -17.50 13.02 -4.15
C PRO A 435 -18.70 12.48 -3.33
N ARG A 436 -18.40 11.49 -2.49
CA ARG A 436 -19.35 11.03 -1.47
C ARG A 436 -19.46 12.07 -0.35
N PRO A 437 -20.54 12.07 0.45
CA PRO A 437 -20.66 13.02 1.57
C PRO A 437 -19.43 13.05 2.48
N SER A 438 -18.82 11.88 2.76
CA SER A 438 -17.62 11.85 3.62
C SER A 438 -16.49 12.68 3.01
N MET A 439 -16.48 12.93 1.70
CA MET A 439 -15.36 13.67 1.12
C MET A 439 -15.49 15.15 1.52
N TYR A 440 -16.72 15.59 1.79
CA TYR A 440 -16.94 16.95 2.30
C TYR A 440 -16.47 17.11 3.74
N VAL A 441 -16.58 16.02 4.52
CA VAL A 441 -16.07 16.02 5.87
C VAL A 441 -14.54 16.05 5.83
N PHE A 442 -13.96 15.26 4.94
CA PHE A 442 -12.48 15.31 4.77
C PHE A 442 -12.02 16.74 4.44
N ARG A 443 -12.70 17.38 3.47
CA ARG A 443 -12.34 18.74 3.06
C ARG A 443 -12.43 19.70 4.25
N GLU A 444 -13.50 19.55 5.06
CA GLU A 444 -13.65 20.41 6.23
C GLU A 444 -12.48 20.25 7.22
N ILE A 445 -12.08 19.01 7.45
CA ILE A 445 -10.99 18.78 8.42
C ILE A 445 -9.69 19.32 7.85
N ALA A 446 -9.43 19.09 6.57
CA ALA A 446 -8.19 19.58 5.98
C ALA A 446 -8.15 21.10 6.01
N ARG A 447 -9.27 21.75 5.69
CA ARG A 447 -9.30 23.20 5.58
C ARG A 447 -9.16 23.84 6.95
N THR A 448 -9.80 23.26 7.96
CA THR A 448 -9.79 23.84 9.31
C THR A 448 -8.64 23.29 10.16
N ARG A 449 -7.99 22.26 9.63
CA ARG A 449 -6.87 21.56 10.31
C ARG A 449 -7.37 21.09 11.70
N SER A 450 -8.64 20.70 11.81
CA SER A 450 -9.12 20.28 13.13
C SER A 450 -10.20 19.22 13.01
N ILE A 451 -10.34 18.39 14.05
CA ILE A 451 -11.55 17.55 14.21
C ILE A 451 -12.34 17.97 15.45
N ASP A 452 -11.95 19.08 16.10
CA ASP A 452 -12.62 19.50 17.34
C ASP A 452 -14.12 19.73 17.14
N GLN A 453 -14.51 20.23 15.96
CA GLN A 453 -15.91 20.54 15.66
C GLN A 453 -16.71 19.26 15.38
N PHE A 454 -16.04 18.09 15.24
CA PHE A 454 -16.67 16.80 14.96
C PHE A 454 -16.75 15.94 16.19
N LYS A 455 -15.77 16.08 17.10
CA LYS A 455 -15.50 15.18 18.23
C LYS A 455 -16.74 14.89 19.11
N GLY A 456 -17.58 15.90 19.38
CA GLY A 456 -18.62 15.66 20.37
C GLY A 456 -19.80 14.82 19.83
N TYR A 457 -19.73 14.39 18.57
CA TYR A 457 -20.73 13.47 18.01
C TYR A 457 -20.01 12.18 17.67
N ASP A 458 -20.33 11.10 18.35
CA ASP A 458 -19.56 9.86 18.21
C ASP A 458 -20.55 8.69 18.15
N PRO A 459 -21.33 8.56 17.05
CA PRO A 459 -22.44 7.60 17.03
C PRO A 459 -22.09 6.11 17.12
N TYR A 460 -20.85 5.74 16.75
CA TYR A 460 -20.38 4.37 16.87
C TYR A 460 -19.41 4.21 18.05
N ASN A 461 -19.32 5.22 18.92
CA ASN A 461 -18.51 5.06 20.14
C ASN A 461 -17.07 4.66 19.80
N LEU A 462 -16.48 5.39 18.85
CA LEU A 462 -15.16 5.07 18.34
C LEU A 462 -14.08 5.96 18.93
N MET A 463 -14.45 6.95 19.76
CA MET A 463 -13.44 7.87 20.24
C MET A 463 -13.45 7.88 21.78
N LYS A 464 -13.74 6.73 22.38
CA LYS A 464 -13.83 6.64 23.83
C LYS A 464 -12.53 6.01 24.34
N PHE A 465 -11.36 6.50 23.92
CA PHE A 465 -10.09 5.95 24.43
C PHE A 465 -9.04 7.06 24.69
C1 GOL B . -5.19 -1.79 -1.18
O1 GOL B . -6.05 -1.39 -2.29
C2 GOL B . -3.85 -1.09 -1.37
O2 GOL B . -3.37 -1.40 -2.69
C3 GOL B . -2.85 -1.54 -0.33
O3 GOL B . -1.64 -0.77 -0.39
C1 GOL C . -4.93 -7.41 1.24
O1 GOL C . -5.66 -8.61 1.51
C2 GOL C . -5.37 -6.84 -0.08
O2 GOL C . -4.99 -5.46 -0.14
C3 GOL C . -6.86 -6.98 -0.31
O3 GOL C . -7.22 -6.70 -1.65
C1 GOL D . -14.44 -6.33 23.48
O1 GOL D . -14.95 -7.37 22.64
C2 GOL D . -13.35 -5.50 22.80
O2 GOL D . -12.99 -6.13 21.58
C3 GOL D . -12.07 -5.32 23.59
O3 GOL D . -10.94 -5.52 22.75
C1 GOL E . -3.74 -6.53 3.71
O1 GOL E . -4.25 -7.65 4.44
C2 GOL E . -4.12 -5.17 4.28
O2 GOL E . -3.07 -4.71 5.14
C3 GOL E . -4.35 -4.10 3.22
O3 GOL E . -3.42 -4.20 2.14
C1 GOL F . 2.95 25.49 12.12
O1 GOL F . 1.52 25.39 12.08
C2 GOL F . 3.52 24.17 11.70
O2 GOL F . 3.62 24.07 10.27
C3 GOL F . 4.80 23.74 12.41
O3 GOL F . 5.27 22.49 11.92
CO CO G . -10.95 -9.43 22.87
CO CO H . -2.07 13.06 -21.69
#